data_6GDR
#
_entry.id   6GDR
#
_cell.length_a   65.024
_cell.length_b   71.207
_cell.length_c   117.160
_cell.angle_alpha   90.00
_cell.angle_beta   94.82
_cell.angle_gamma   90.00
#
_symmetry.space_group_name_H-M   'I 1 2 1'
#
loop_
_entity.id
_entity.type
_entity.pdbx_description
1 polymer "DNA (5'-D(*TP*TP*CP*CP*GP*AP*TP*AP*GP*TP*GP*GP*GP*GP*TP*CP*GP*CP*AP*AP*T)-3')"
2 polymer DNA
3 polymer "DNA (5'-D(P*CP*AP*CP*TP*AP*TP*CP*GP*GP*AP*A)-3')"
4 polymer 'DNA ligase'
5 non-polymer 'PHOSPHATE ION'
6 non-polymer 'ADENOSINE MONOPHOSPHATE'
7 water water
#
loop_
_entity_poly.entity_id
_entity_poly.type
_entity_poly.pdbx_seq_one_letter_code
_entity_poly.pdbx_strand_id
1 'polydeoxyribonucleotide'
;(DT)(DT)(DC)(DC)(DG)(DA)(DT)(DA)(DG)(DT)(DG)(DG)(DG)(DG)(DT)(DC)(DG)(DC)(DA)(DA)
(DT)
;
B
2 'polydeoxyribonucleotide' (DA)(DT)(DT)(DG)(DC)(DG)(DA)(DC)(DC)(DC) C
3 'polydeoxyribonucleotide' (DC)(DA)(DC)(DT)(DA)(DT)(DC)(DG)(DG)(DA)(DA) D
4 'polypeptide(L)'
;GEDKHDIVDGLQLAKQYGHSRQDINIAEYWVSEKLDGIRARWDGTELRTRNNNKIDAPAWFTANWPKATIDGELWIARGQ
FERTASIVLSKLTSVAPQSVAGSLPRTESTVDAMTATHSLPSKRWAKVRFMAFDMPVAGQSFDSRLNMLNNLKEATPNPT
FAVVSQFTLSSVNALEEKLEQVTLSGGEGLMLHHKKAFYHSGRSDKLIKVKQFEDAEAKVLAHFAGKGKFKGMMGSLLVE
TPAGVQFKLGTGFSEKERRAPPAVGSWVTFKFYGVTKNGKPRFASFLRVRPPSDLPK
;
A
#
loop_
_chem_comp.id
_chem_comp.type
_chem_comp.name
_chem_comp.formula
AMP non-polymer 'ADENOSINE MONOPHOSPHATE' 'C10 H14 N5 O7 P'
DA DNA linking 2'-DEOXYADENOSINE-5'-MONOPHOSPHATE 'C10 H14 N5 O6 P'
DC DNA linking 2'-DEOXYCYTIDINE-5'-MONOPHOSPHATE 'C9 H14 N3 O7 P'
DG DNA linking 2'-DEOXYGUANOSINE-5'-MONOPHOSPHATE 'C10 H14 N5 O7 P'
DT DNA linking THYMIDINE-5'-MONOPHOSPHATE 'C10 H15 N2 O8 P'
PO4 non-polymer 'PHOSPHATE ION' 'O4 P -3'
#
# COMPACT_ATOMS: atom_id res chain seq x y z
N ILE D 7 10.24 4.90 -18.59
CA ILE D 7 10.51 5.99 -19.53
C ILE D 7 9.92 7.29 -18.99
N VAL D 8 8.80 7.19 -18.29
CA VAL D 8 8.19 8.37 -17.65
C VAL D 8 8.94 8.67 -16.36
N ASP D 9 9.04 9.95 -16.04
CA ASP D 9 9.85 10.40 -14.91
C ASP D 9 9.28 9.92 -13.59
N GLY D 10 8.36 10.70 -13.01
CA GLY D 10 7.85 10.39 -11.69
C GLY D 10 6.83 9.26 -11.70
N LEU D 11 6.66 8.66 -10.53
CA LEU D 11 5.71 7.57 -10.37
C LEU D 11 4.29 8.11 -10.29
N GLN D 12 3.35 7.33 -10.82
CA GLN D 12 1.93 7.65 -10.70
C GLN D 12 1.45 7.17 -9.34
N LEU D 13 1.10 8.11 -8.47
CA LEU D 13 0.61 7.77 -7.14
C LEU D 13 -0.91 7.64 -7.17
N ALA D 14 -1.44 7.00 -6.14
CA ALA D 14 -2.86 6.68 -6.05
C ALA D 14 -3.58 7.70 -5.18
N LYS D 15 -4.71 8.19 -5.67
CA LYS D 15 -5.54 9.12 -4.92
C LYS D 15 -6.56 8.35 -4.07
N GLN D 16 -6.85 8.87 -2.89
CA GLN D 16 -7.86 8.28 -2.03
C GLN D 16 -9.23 8.37 -2.68
N TYR D 17 -10.12 7.48 -2.25
CA TYR D 17 -11.42 7.33 -2.92
C TYR D 17 -12.28 8.57 -2.74
N GLY D 18 -12.47 9.01 -1.50
CA GLY D 18 -13.42 10.08 -1.20
C GLY D 18 -13.08 11.41 -1.84
N HIS D 19 -11.88 11.56 -2.41
CA HIS D 19 -11.48 12.84 -2.99
C HIS D 19 -11.62 12.83 -4.50
N GLN D 22 -19.41 8.80 -5.75
CA GLN D 22 -19.82 10.20 -5.82
C GLN D 22 -19.89 10.70 -7.26
N ASP D 23 -18.76 10.67 -7.96
CA ASP D 23 -18.69 11.28 -9.29
C ASP D 23 -18.07 10.36 -10.34
N ILE D 24 -17.10 9.52 -9.96
CA ILE D 24 -16.49 8.65 -10.95
C ILE D 24 -17.47 7.56 -11.36
N ASN D 25 -17.31 7.08 -12.60
CA ASN D 25 -18.05 5.93 -13.11
C ASN D 25 -17.13 4.72 -13.03
N ILE D 26 -17.45 3.81 -12.10
CA ILE D 26 -16.56 2.68 -11.84
C ILE D 26 -16.38 1.82 -13.09
N ALA D 27 -17.39 1.77 -13.95
CA ALA D 27 -17.32 0.92 -15.14
C ALA D 27 -16.13 1.28 -16.03
N GLU D 28 -15.56 2.47 -15.87
CA GLU D 28 -14.43 2.91 -16.68
C GLU D 28 -13.08 2.52 -16.08
N TYR D 29 -13.08 1.72 -15.01
CA TYR D 29 -11.87 1.38 -14.29
C TYR D 29 -11.66 -0.12 -14.28
N TRP D 30 -10.39 -0.52 -14.33
CA TRP D 30 -10.00 -1.88 -13.97
C TRP D 30 -9.84 -1.95 -12.46
N VAL D 31 -10.53 -2.90 -11.83
CA VAL D 31 -10.47 -3.09 -10.38
C VAL D 31 -9.52 -4.24 -10.08
N SER D 32 -8.78 -4.10 -8.99
CA SER D 32 -7.89 -5.16 -8.54
C SER D 32 -7.68 -5.01 -7.03
N GLU D 33 -7.38 -6.13 -6.39
CA GLU D 33 -7.14 -6.12 -4.95
C GLU D 33 -5.77 -5.53 -4.65
N LYS D 34 -5.73 -4.59 -3.70
CA LYS D 34 -4.46 -4.02 -3.28
C LYS D 34 -3.69 -5.05 -2.46
N LEU D 35 -2.46 -5.33 -2.87
CA LEU D 35 -1.63 -6.35 -2.24
C LEU D 35 -0.67 -5.69 -1.27
N ASP D 36 -0.75 -6.06 0.00
CA ASP D 36 0.07 -5.47 1.07
C ASP D 36 1.46 -6.09 1.00
N GLY D 37 2.24 -5.62 0.02
CA GLY D 37 3.59 -6.11 -0.20
C GLY D 37 4.58 -4.96 -0.25
N ILE D 38 5.63 -5.15 -1.03
CA ILE D 38 6.66 -4.16 -1.25
C ILE D 38 6.65 -3.77 -2.72
N ARG D 39 6.56 -2.47 -3.00
CA ARG D 39 6.62 -1.99 -4.36
C ARG D 39 8.03 -2.16 -4.92
N ALA D 40 8.12 -2.60 -6.17
CA ALA D 40 9.42 -2.82 -6.80
C ALA D 40 9.30 -2.55 -8.29
N ARG D 41 10.29 -1.86 -8.83
CA ARG D 41 10.40 -1.61 -10.27
C ARG D 41 11.43 -2.54 -10.88
N TRP D 42 11.04 -3.22 -11.95
CA TRP D 42 11.94 -4.14 -12.65
C TRP D 42 12.64 -3.37 -13.77
N ASP D 43 13.96 -3.25 -13.65
CA ASP D 43 14.77 -2.50 -14.61
C ASP D 43 15.08 -3.30 -15.87
N GLY D 44 14.65 -4.55 -15.95
CA GLY D 44 15.08 -5.42 -17.03
C GLY D 44 16.34 -6.16 -16.62
N THR D 45 17.12 -5.54 -15.74
CA THR D 45 18.30 -6.14 -15.15
C THR D 45 18.26 -6.21 -13.63
N GLU D 46 17.43 -5.39 -12.98
CA GLU D 46 17.58 -5.17 -11.55
C GLU D 46 16.25 -4.72 -10.97
N LEU D 47 15.99 -5.14 -9.73
CA LEU D 47 14.83 -4.69 -8.97
C LEU D 47 15.22 -3.54 -8.04
N ARG D 48 14.29 -2.61 -7.84
CA ARG D 48 14.54 -1.47 -6.98
C ARG D 48 13.24 -1.01 -6.35
N THR D 49 13.36 -0.45 -5.14
CA THR D 49 12.21 -0.05 -4.35
C THR D 49 11.63 1.27 -4.87
N ARG D 50 10.62 1.78 -4.16
CA ARG D 50 9.97 3.03 -4.55
C ARG D 50 11.00 4.14 -4.73
N ASN D 51 11.98 4.20 -3.82
CA ASN D 51 12.99 5.26 -3.83
C ASN D 51 14.34 4.75 -4.33
N ASN D 52 14.32 3.70 -5.15
CA ASN D 52 15.48 3.27 -5.94
C ASN D 52 16.60 2.69 -5.07
N ASN D 53 16.24 2.09 -3.93
CA ASN D 53 17.18 1.25 -3.21
C ASN D 53 17.21 -0.13 -3.84
N LYS D 54 18.41 -0.64 -4.11
CA LYS D 54 18.52 -1.93 -4.77
C LYS D 54 17.89 -3.03 -3.92
N ILE D 55 17.10 -3.89 -4.56
CA ILE D 55 16.56 -5.08 -3.92
C ILE D 55 17.50 -6.24 -4.25
N ASP D 56 18.00 -6.91 -3.21
CA ASP D 56 19.01 -7.95 -3.37
C ASP D 56 18.29 -9.30 -3.47
N ALA D 57 17.80 -9.59 -4.69
CA ALA D 57 17.05 -10.82 -4.92
C ALA D 57 17.95 -11.88 -5.57
N PRO D 58 17.67 -13.16 -5.33
CA PRO D 58 18.47 -14.21 -5.99
C PRO D 58 18.36 -14.12 -7.50
N ALA D 59 19.38 -14.63 -8.18
CA ALA D 59 19.39 -14.59 -9.65
C ALA D 59 18.26 -15.42 -10.24
N TRP D 60 17.98 -16.58 -9.63
CA TRP D 60 16.90 -17.43 -10.13
C TRP D 60 15.54 -16.73 -10.02
N PHE D 61 15.39 -15.84 -9.04
CA PHE D 61 14.12 -15.15 -8.87
C PHE D 61 13.78 -14.29 -10.08
N THR D 62 14.79 -13.80 -10.80
CA THR D 62 14.59 -12.93 -11.95
C THR D 62 15.00 -13.61 -13.26
N ALA D 63 15.37 -14.89 -13.21
CA ALA D 63 15.83 -15.58 -14.41
C ALA D 63 14.75 -15.59 -15.48
N ASN D 64 15.12 -15.18 -16.70
CA ASN D 64 14.25 -15.19 -17.87
C ASN D 64 13.13 -14.16 -17.82
N TRP D 65 13.20 -13.21 -16.89
CA TRP D 65 12.21 -12.14 -16.87
C TRP D 65 12.33 -11.30 -18.14
N PRO D 66 11.27 -10.58 -18.51
CA PRO D 66 11.34 -9.73 -19.70
C PRO D 66 12.43 -8.67 -19.58
N LYS D 67 12.78 -8.08 -20.72
CA LYS D 67 13.77 -7.02 -20.78
C LYS D 67 13.10 -5.66 -20.98
N ALA D 68 12.20 -5.35 -20.05
CA ALA D 68 11.45 -4.09 -20.09
C ALA D 68 11.31 -3.56 -18.68
N THR D 69 10.77 -2.34 -18.57
CA THR D 69 10.54 -1.71 -17.28
C THR D 69 9.13 -2.01 -16.80
N ILE D 70 9.02 -2.56 -15.59
CA ILE D 70 7.74 -3.00 -15.05
C ILE D 70 7.68 -2.64 -13.57
N ASP D 71 6.52 -2.15 -13.14
CA ASP D 71 6.25 -1.88 -11.73
C ASP D 71 5.40 -3.01 -11.17
N GLY D 72 5.77 -3.49 -9.98
CA GLY D 72 5.07 -4.61 -9.38
C GLY D 72 5.13 -4.57 -7.88
N GLU D 73 4.41 -5.51 -7.26
CA GLU D 73 4.32 -5.63 -5.81
C GLU D 73 4.86 -6.99 -5.41
N LEU D 74 6.03 -7.00 -4.76
CA LEU D 74 6.57 -8.23 -4.20
C LEU D 74 5.67 -8.67 -3.04
N TRP D 75 5.09 -9.86 -3.17
CA TRP D 75 3.97 -10.25 -2.32
C TRP D 75 3.90 -11.76 -2.24
N ILE D 76 3.49 -12.27 -1.07
CA ILE D 76 3.35 -13.69 -0.83
C ILE D 76 1.87 -14.03 -0.73
N ALA D 77 1.22 -13.53 0.31
CA ALA D 77 -0.20 -13.76 0.54
C ALA D 77 -0.72 -12.64 1.44
N ARG D 78 -2.03 -12.67 1.70
CA ARG D 78 -2.63 -11.66 2.55
C ARG D 78 -2.11 -11.76 3.98
N GLY D 79 -1.98 -10.60 4.62
CA GLY D 79 -1.53 -10.56 6.01
C GLY D 79 -0.11 -11.00 6.22
N GLN D 80 0.74 -10.91 5.19
CA GLN D 80 2.13 -11.36 5.28
C GLN D 80 3.11 -10.22 5.00
N PHE D 81 2.76 -8.99 5.39
CA PHE D 81 3.59 -7.85 5.05
C PHE D 81 4.89 -7.85 5.84
N GLU D 82 4.80 -7.87 7.17
CA GLU D 82 6.01 -7.83 8.00
C GLU D 82 7.02 -8.88 7.55
N ARG D 83 6.55 -10.12 7.37
CA ARG D 83 7.44 -11.17 6.90
C ARG D 83 7.97 -10.88 5.50
N THR D 84 7.10 -10.38 4.61
CA THR D 84 7.54 -10.05 3.26
C THR D 84 8.60 -8.96 3.29
N ALA D 85 8.39 -7.91 4.08
CA ALA D 85 9.38 -6.85 4.18
C ALA D 85 10.69 -7.34 4.78
N SER D 86 10.65 -8.44 5.54
CA SER D 86 11.89 -8.98 6.10
C SER D 86 12.72 -9.66 5.02
N ILE D 87 12.07 -10.32 4.06
CA ILE D 87 12.80 -11.02 3.01
C ILE D 87 13.36 -10.03 2.00
N VAL D 88 12.53 -9.08 1.56
CA VAL D 88 12.88 -8.25 0.41
C VAL D 88 13.99 -7.27 0.75
N LEU D 89 13.91 -6.63 1.91
CA LEU D 89 14.84 -5.54 2.21
C LEU D 89 16.18 -6.02 2.76
N SER D 90 16.27 -7.28 3.18
CA SER D 90 17.52 -7.78 3.76
C SER D 90 18.51 -8.15 2.67
N LYS D 91 19.80 -7.89 2.94
CA LYS D 91 20.83 -8.25 1.99
C LYS D 91 20.95 -9.76 1.86
N LEU D 92 21.36 -10.21 0.67
CA LEU D 92 21.42 -11.63 0.34
C LEU D 92 22.86 -12.11 0.54
N THR D 93 23.18 -12.46 1.78
CA THR D 93 24.49 -13.00 2.11
C THR D 93 24.56 -13.36 3.59
N LEU D 120 20.71 -23.49 -0.57
CA LEU D 120 21.31 -22.17 -0.52
C LEU D 120 20.57 -21.28 0.49
N PRO D 121 21.09 -21.19 1.73
CA PRO D 121 20.45 -20.32 2.73
C PRO D 121 20.07 -18.96 2.17
N SER D 122 19.15 -18.27 2.85
CA SER D 122 18.49 -17.09 2.30
C SER D 122 17.60 -17.46 1.12
N LYS D 123 17.11 -18.70 1.11
CA LYS D 123 16.18 -19.17 0.09
C LYS D 123 14.75 -18.81 0.47
N ARG D 124 14.58 -17.74 1.24
CA ARG D 124 13.26 -17.32 1.71
C ARG D 124 12.40 -16.77 0.59
N TRP D 125 12.99 -16.44 -0.56
CA TRP D 125 12.24 -15.93 -1.70
C TRP D 125 11.44 -17.01 -2.41
N ALA D 126 11.43 -18.24 -1.91
CA ALA D 126 10.77 -19.34 -2.62
C ALA D 126 9.30 -19.02 -2.88
N LYS D 127 8.60 -18.53 -1.86
CA LYS D 127 7.17 -18.26 -1.96
C LYS D 127 6.86 -16.78 -2.19
N VAL D 128 7.83 -16.03 -2.69
CA VAL D 128 7.62 -14.63 -3.06
C VAL D 128 7.33 -14.56 -4.55
N ARG D 129 6.49 -13.61 -4.93
CA ARG D 129 6.14 -13.41 -6.33
C ARG D 129 6.14 -11.92 -6.65
N PHE D 130 6.34 -11.61 -7.93
CA PHE D 130 6.37 -10.23 -8.42
C PHE D 130 5.03 -9.98 -9.12
N MET D 131 4.09 -9.41 -8.37
CA MET D 131 2.73 -9.16 -8.86
C MET D 131 2.74 -7.84 -9.64
N ALA D 132 3.07 -7.92 -10.91
CA ALA D 132 3.14 -6.74 -11.75
C ALA D 132 1.74 -6.13 -11.93
N PHE D 133 1.67 -4.80 -11.91
CA PHE D 133 0.41 -4.08 -12.06
C PHE D 133 0.44 -2.94 -13.05
N ASP D 134 1.59 -2.57 -13.60
CA ASP D 134 1.63 -1.49 -14.58
C ASP D 134 3.01 -1.43 -15.20
N MET D 135 3.09 -0.72 -16.33
CA MET D 135 4.35 -0.42 -17.01
C MET D 135 4.42 1.09 -17.19
N PRO D 136 5.55 1.74 -16.89
CA PRO D 136 5.65 3.20 -17.00
C PRO D 136 5.86 3.69 -18.43
N VAL D 137 5.02 3.21 -19.34
CA VAL D 137 5.15 3.54 -20.76
C VAL D 137 4.47 4.87 -21.04
N ALA D 138 5.09 5.66 -21.91
CA ALA D 138 4.57 6.98 -22.25
C ALA D 138 3.66 6.89 -23.48
N GLY D 139 2.44 7.42 -23.34
CA GLY D 139 1.53 7.54 -24.46
C GLY D 139 0.86 6.24 -24.87
N GLN D 140 0.20 5.59 -23.93
CA GLN D 140 -0.57 4.38 -24.25
C GLN D 140 -1.47 4.06 -23.06
N SER D 141 -2.69 3.63 -23.36
CA SER D 141 -3.69 3.43 -22.32
C SER D 141 -3.32 2.24 -21.43
N PHE D 142 -3.79 2.30 -20.18
CA PHE D 142 -3.55 1.20 -19.25
C PHE D 142 -4.12 -0.11 -19.79
N ASP D 143 -5.23 -0.05 -20.51
CA ASP D 143 -5.76 -1.25 -21.14
C ASP D 143 -4.72 -1.91 -22.04
N SER D 144 -3.98 -1.11 -22.79
CA SER D 144 -2.93 -1.66 -23.64
C SER D 144 -1.77 -2.18 -22.82
N ARG D 145 -1.37 -1.45 -21.78
CA ARG D 145 -0.27 -1.90 -20.93
C ARG D 145 -0.62 -3.20 -20.22
N LEU D 146 -1.86 -3.31 -19.72
CA LEU D 146 -2.31 -4.57 -19.15
C LEU D 146 -2.19 -5.71 -20.15
N ASN D 147 -2.67 -5.48 -21.38
CA ASN D 147 -2.56 -6.51 -22.42
C ASN D 147 -1.10 -6.90 -22.62
N MET D 148 -0.19 -5.93 -22.63
N MET D 148 -0.20 -5.93 -22.63
CA MET D 148 1.22 -6.27 -22.80
CA MET D 148 1.23 -6.23 -22.78
C MET D 148 1.75 -7.05 -21.61
C MET D 148 1.73 -7.05 -21.62
N LEU D 149 1.31 -6.72 -20.39
CA LEU D 149 1.73 -7.48 -19.22
C LEU D 149 1.34 -8.96 -19.38
N ASN D 150 0.09 -9.22 -19.77
CA ASN D 150 -0.35 -10.59 -19.95
C ASN D 150 0.45 -11.29 -21.05
N ASN D 151 0.83 -10.54 -22.09
CA ASN D 151 1.65 -11.11 -23.15
C ASN D 151 3.03 -11.50 -22.61
N LEU D 152 3.61 -10.65 -21.76
CA LEU D 152 4.93 -10.93 -21.22
C LEU D 152 4.92 -12.12 -20.28
N LYS D 153 3.81 -12.35 -19.57
CA LYS D 153 3.74 -13.49 -18.65
C LYS D 153 3.75 -14.80 -19.42
N GLU D 154 2.87 -14.93 -20.42
CA GLU D 154 2.82 -16.16 -21.21
C GLU D 154 4.17 -16.44 -21.87
N ALA D 155 4.94 -15.41 -22.19
CA ALA D 155 6.26 -15.56 -22.77
C ALA D 155 7.37 -15.58 -21.73
N THR D 156 7.03 -15.83 -20.47
CA THR D 156 8.00 -15.87 -19.39
C THR D 156 7.88 -17.20 -18.66
N PRO D 157 8.90 -18.07 -18.71
CA PRO D 157 8.78 -19.38 -18.05
C PRO D 157 8.81 -19.30 -16.54
N ASN D 158 9.39 -18.26 -15.96
CA ASN D 158 9.55 -18.19 -14.50
C ASN D 158 8.21 -17.91 -13.84
N PRO D 159 7.75 -18.74 -12.90
CA PRO D 159 6.46 -18.47 -12.24
C PRO D 159 6.53 -17.34 -11.21
N THR D 160 7.72 -16.87 -10.86
CA THR D 160 7.82 -15.73 -9.96
C THR D 160 7.26 -14.46 -10.58
N PHE D 161 7.31 -14.37 -11.92
CA PHE D 161 6.71 -13.24 -12.62
C PHE D 161 5.22 -13.50 -12.79
N ALA D 162 4.40 -12.66 -12.17
CA ALA D 162 2.94 -12.78 -12.23
C ALA D 162 2.35 -11.44 -12.61
N VAL D 163 1.02 -11.41 -12.73
CA VAL D 163 0.29 -10.21 -13.10
C VAL D 163 -0.95 -10.12 -12.21
N VAL D 164 -1.13 -8.96 -11.57
CA VAL D 164 -2.29 -8.77 -10.71
C VAL D 164 -3.56 -8.99 -11.50
N SER D 165 -4.49 -9.75 -10.92
CA SER D 165 -5.75 -10.01 -11.58
C SER D 165 -6.58 -8.74 -11.63
N GLN D 166 -7.12 -8.44 -12.81
CA GLN D 166 -7.95 -7.26 -13.03
C GLN D 166 -9.36 -7.70 -13.40
N PHE D 167 -10.34 -7.19 -12.68
CA PHE D 167 -11.75 -7.49 -12.93
C PHE D 167 -12.52 -6.18 -13.04
N THR D 168 -13.84 -6.30 -13.24
CA THR D 168 -14.70 -5.15 -13.46
C THR D 168 -15.84 -5.16 -12.43
N LEU D 169 -16.19 -3.96 -11.96
CA LEU D 169 -17.35 -3.73 -11.12
C LEU D 169 -18.23 -2.68 -11.79
N SER D 170 -19.48 -2.58 -11.32
CA SER D 170 -20.46 -1.68 -11.93
C SER D 170 -20.81 -0.55 -10.97
N SER D 171 -21.77 -0.77 -10.08
CA SER D 171 -22.25 0.28 -9.19
C SER D 171 -21.21 0.59 -8.12
N VAL D 172 -21.39 1.75 -7.47
CA VAL D 172 -20.60 2.04 -6.29
C VAL D 172 -20.96 1.08 -5.17
N ASN D 173 -22.20 0.60 -5.15
CA ASN D 173 -22.60 -0.39 -4.17
C ASN D 173 -21.82 -1.69 -4.37
N ALA D 174 -21.58 -2.07 -5.64
CA ALA D 174 -20.77 -3.24 -5.91
C ALA D 174 -19.35 -3.06 -5.38
N LEU D 175 -18.83 -1.84 -5.44
CA LEU D 175 -17.49 -1.56 -4.92
C LEU D 175 -17.47 -1.71 -3.40
N GLU D 176 -18.46 -1.13 -2.71
CA GLU D 176 -18.48 -1.20 -1.26
C GLU D 176 -18.57 -2.65 -0.79
N GLU D 177 -19.38 -3.47 -1.47
CA GLU D 177 -19.53 -4.87 -1.06
C GLU D 177 -18.25 -5.67 -1.33
N LYS D 178 -17.61 -5.43 -2.46
CA LYS D 178 -16.35 -6.13 -2.75
C LYS D 178 -15.27 -5.74 -1.75
N LEU D 179 -15.20 -4.44 -1.42
CA LEU D 179 -14.23 -3.99 -0.43
C LEU D 179 -14.45 -4.69 0.91
N GLU D 180 -15.70 -4.75 1.36
CA GLU D 180 -16.02 -5.46 2.60
C GLU D 180 -15.56 -6.92 2.52
N GLN D 181 -15.91 -7.61 1.44
CA GLN D 181 -15.55 -9.01 1.29
C GLN D 181 -14.03 -9.19 1.33
N VAL D 182 -13.31 -8.37 0.55
CA VAL D 182 -11.86 -8.47 0.52
C VAL D 182 -11.29 -8.20 1.91
N THR D 183 -11.75 -7.13 2.57
CA THR D 183 -11.26 -6.80 3.89
C THR D 183 -11.46 -7.96 4.85
N LEU D 184 -12.68 -8.52 4.89
CA LEU D 184 -12.96 -9.64 5.77
C LEU D 184 -12.15 -10.87 5.41
N SER D 185 -11.78 -11.01 4.14
CA SER D 185 -10.97 -12.14 3.70
C SER D 185 -9.48 -11.91 3.89
N GLY D 186 -9.09 -10.85 4.60
CA GLY D 186 -7.70 -10.57 4.88
C GLY D 186 -7.02 -9.62 3.93
N GLY D 187 -7.70 -9.19 2.86
CA GLY D 187 -7.10 -8.27 1.93
C GLY D 187 -6.95 -6.88 2.50
N GLU D 188 -6.06 -6.09 1.88
CA GLU D 188 -5.78 -4.74 2.34
C GLU D 188 -6.75 -3.71 1.78
N GLY D 189 -7.24 -3.91 0.56
CA GLY D 189 -8.15 -2.96 -0.04
C GLY D 189 -8.24 -3.20 -1.55
N LEU D 190 -8.71 -2.16 -2.25
CA LEU D 190 -8.92 -2.24 -3.68
C LEU D 190 -8.16 -1.10 -4.37
N MET D 191 -7.86 -1.33 -5.65
CA MET D 191 -7.23 -0.33 -6.51
C MET D 191 -8.07 -0.19 -7.77
N LEU D 192 -8.24 1.05 -8.22
CA LEU D 192 -9.00 1.36 -9.42
C LEU D 192 -8.10 2.08 -10.39
N HIS D 193 -7.91 1.50 -11.57
N HIS D 193 -7.91 1.50 -11.57
CA HIS D 193 -7.06 2.06 -12.61
CA HIS D 193 -7.06 2.06 -12.61
C HIS D 193 -7.91 2.28 -13.86
C HIS D 193 -7.91 2.27 -13.85
N HIS D 194 -8.01 3.53 -14.30
CA HIS D 194 -8.84 3.85 -15.45
C HIS D 194 -8.31 3.16 -16.70
N LYS D 195 -9.22 2.56 -17.47
CA LYS D 195 -8.83 1.76 -18.62
C LYS D 195 -8.21 2.62 -19.71
N LYS D 196 -8.89 3.70 -20.09
CA LYS D 196 -8.49 4.53 -21.21
C LYS D 196 -7.59 5.70 -20.81
N ALA D 197 -6.82 5.55 -19.73
CA ALA D 197 -5.98 6.62 -19.21
C ALA D 197 -4.52 6.35 -19.52
N PHE D 198 -3.80 7.41 -19.87
CA PHE D 198 -2.37 7.32 -20.13
C PHE D 198 -1.59 7.51 -18.82
N TYR D 199 -0.40 6.93 -18.77
CA TYR D 199 0.43 7.04 -17.59
C TYR D 199 0.86 8.49 -17.38
N HIS D 200 0.82 8.93 -16.12
CA HIS D 200 1.21 10.29 -15.78
C HIS D 200 1.52 10.35 -14.28
N SER D 201 2.63 10.98 -13.94
CA SER D 201 3.05 11.05 -12.54
C SER D 201 2.00 11.78 -11.71
N GLY D 202 2.10 11.60 -10.39
CA GLY D 202 1.23 12.30 -9.47
C GLY D 202 -0.10 11.59 -9.25
N ARG D 203 -0.95 12.26 -8.48
CA ARG D 203 -2.26 11.73 -8.12
C ARG D 203 -3.34 12.32 -9.02
N SER D 204 -4.32 11.49 -9.37
CA SER D 204 -5.47 11.91 -10.16
C SER D 204 -6.52 10.81 -10.07
N ASP D 205 -7.66 11.05 -10.70
CA ASP D 205 -8.73 10.05 -10.72
C ASP D 205 -8.41 8.87 -11.62
N LYS D 206 -7.28 8.89 -12.33
CA LYS D 206 -6.91 7.78 -13.19
C LYS D 206 -6.48 6.55 -12.39
N LEU D 207 -6.03 6.73 -11.15
CA LEU D 207 -5.57 5.63 -10.31
C LEU D 207 -6.00 5.93 -8.88
N ILE D 208 -7.03 5.23 -8.41
CA ILE D 208 -7.66 5.53 -7.13
C ILE D 208 -7.40 4.40 -6.15
N LYS D 209 -7.36 4.76 -4.87
CA LYS D 209 -6.99 3.87 -3.78
C LYS D 209 -8.17 3.77 -2.83
N VAL D 210 -8.54 2.53 -2.45
CA VAL D 210 -9.72 2.28 -1.64
C VAL D 210 -9.32 1.39 -0.46
N LYS D 211 -9.50 1.90 0.75
CA LYS D 211 -9.17 1.17 1.96
C LYS D 211 -10.23 1.46 3.02
N GLN D 212 -10.49 0.46 3.86
CA GLN D 212 -11.40 0.62 4.98
C GLN D 212 -10.64 1.03 6.23
N PHE D 213 -11.39 1.62 7.18
CA PHE D 213 -10.83 2.00 8.46
C PHE D 213 -11.96 2.04 9.49
N GLU D 214 -11.62 1.72 10.73
CA GLU D 214 -12.56 1.79 11.83
C GLU D 214 -12.06 2.78 12.88
N ASP D 215 -12.90 3.01 13.88
CA ASP D 215 -12.57 3.88 15.00
C ASP D 215 -12.40 3.06 16.27
N ALA D 216 -11.81 3.69 17.28
CA ALA D 216 -11.57 3.06 18.56
C ALA D 216 -11.12 4.11 19.55
N GLU D 217 -11.25 3.80 20.83
CA GLU D 217 -10.88 4.70 21.90
C GLU D 217 -9.66 4.18 22.66
N ALA D 218 -8.92 5.10 23.25
CA ALA D 218 -7.75 4.76 24.05
C ALA D 218 -7.51 5.86 25.06
N LYS D 219 -6.94 5.49 26.21
CA LYS D 219 -6.63 6.42 27.28
C LYS D 219 -5.18 6.88 27.16
N VAL D 220 -4.98 8.20 27.13
CA VAL D 220 -3.63 8.75 27.03
C VAL D 220 -2.88 8.52 28.33
N LEU D 221 -1.66 7.99 28.23
CA LEU D 221 -0.85 7.67 29.39
C LEU D 221 0.32 8.61 29.61
N ALA D 222 0.79 9.29 28.58
CA ALA D 222 1.94 10.17 28.70
C ALA D 222 2.07 11.01 27.44
N HIS D 223 2.87 12.06 27.54
CA HIS D 223 3.17 12.95 26.42
C HIS D 223 4.61 12.76 25.98
N PHE D 224 4.88 13.07 24.72
CA PHE D 224 6.23 13.01 24.16
C PHE D 224 6.50 14.29 23.40
N ALA D 225 7.63 14.93 23.73
CA ALA D 225 7.96 16.22 23.14
C ALA D 225 8.21 16.08 21.65
N GLY D 226 7.69 17.05 20.90
CA GLY D 226 7.90 17.07 19.46
C GLY D 226 9.25 17.65 19.08
N LYS D 227 9.69 17.32 17.88
CA LYS D 227 10.97 17.75 17.34
C LYS D 227 10.74 18.70 16.17
N GLY D 228 11.82 19.32 15.71
CA GLY D 228 11.74 20.21 14.57
C GLY D 228 10.80 21.36 14.83
N LYS D 229 9.88 21.60 13.88
CA LYS D 229 8.93 22.70 14.02
C LYS D 229 8.02 22.52 15.23
N PHE D 230 7.82 21.29 15.68
CA PHE D 230 7.03 21.01 16.88
C PHE D 230 7.86 21.07 18.16
N LYS D 231 8.95 21.83 18.16
CA LYS D 231 9.73 22.02 19.37
C LYS D 231 8.88 22.71 20.43
N GLY D 232 9.05 22.29 21.68
CA GLY D 232 8.23 22.83 22.75
C GLY D 232 6.75 22.52 22.60
N MET D 233 6.40 21.54 21.78
CA MET D 233 5.02 21.13 21.57
C MET D 233 4.92 19.62 21.68
N MET D 234 3.69 19.12 21.73
CA MET D 234 3.47 17.68 21.85
C MET D 234 3.70 17.00 20.51
N GLY D 235 4.52 15.97 20.52
CA GLY D 235 4.80 15.20 19.31
C GLY D 235 3.90 13.99 19.18
N SER D 236 3.72 13.25 20.26
CA SER D 236 2.89 12.06 20.25
C SER D 236 2.34 11.82 21.65
N LEU D 237 1.38 10.89 21.72
CA LEU D 237 0.74 10.51 22.97
C LEU D 237 0.81 9.00 23.13
N LEU D 238 1.25 8.55 24.30
CA LEU D 238 1.26 7.13 24.61
C LEU D 238 -0.13 6.74 25.09
N VAL D 239 -0.95 6.21 24.18
CA VAL D 239 -2.31 5.84 24.49
C VAL D 239 -2.37 4.34 24.75
N GLU D 240 -3.50 3.87 25.28
CA GLU D 240 -3.69 2.46 25.58
C GLU D 240 -5.15 2.11 25.36
N THR D 241 -5.39 1.02 24.66
CA THR D 241 -6.75 0.59 24.37
C THR D 241 -7.33 -0.17 25.55
N PRO D 242 -8.66 -0.24 25.65
CA PRO D 242 -9.27 -1.01 26.75
C PRO D 242 -8.77 -2.45 26.83
N ALA D 243 -8.38 -3.04 25.71
CA ALA D 243 -7.87 -4.40 25.70
C ALA D 243 -6.45 -4.51 26.24
N GLY D 244 -5.83 -3.39 26.60
CA GLY D 244 -4.49 -3.41 27.15
C GLY D 244 -3.37 -3.23 26.15
N VAL D 245 -3.68 -2.77 24.93
CA VAL D 245 -2.68 -2.56 23.90
C VAL D 245 -2.25 -1.09 23.93
N GLN D 246 -0.95 -0.86 24.05
CA GLN D 246 -0.38 0.47 24.13
C GLN D 246 0.35 0.80 22.83
N PHE D 247 0.20 2.04 22.37
CA PHE D 247 0.88 2.50 21.17
C PHE D 247 0.94 4.02 21.20
N LYS D 248 1.87 4.57 20.44
CA LYS D 248 2.03 6.01 20.36
C LYS D 248 1.17 6.57 19.24
N LEU D 249 0.32 7.54 19.60
CA LEU D 249 -0.52 8.25 18.64
C LEU D 249 0.14 9.59 18.36
N GLY D 250 0.66 9.75 17.13
CA GLY D 250 1.55 10.87 16.83
C GLY D 250 1.13 11.78 15.70
N THR D 251 0.00 11.50 15.06
CA THR D 251 -0.45 12.34 13.95
C THR D 251 -1.96 12.50 14.00
N GLY D 252 -2.45 13.48 13.26
CA GLY D 252 -3.85 13.84 13.25
C GLY D 252 -4.19 15.07 14.06
N PHE D 253 -3.25 15.57 14.87
CA PHE D 253 -3.47 16.75 15.68
C PHE D 253 -3.17 18.01 14.88
N SER D 254 -4.04 19.00 15.01
CA SER D 254 -3.72 20.33 14.51
C SER D 254 -2.61 20.93 15.34
N GLU D 255 -1.98 21.98 14.80
CA GLU D 255 -0.89 22.63 15.54
C GLU D 255 -1.40 23.26 16.83
N LYS D 256 -2.66 23.71 16.85
CA LYS D 256 -3.24 24.22 18.09
C LYS D 256 -3.48 23.09 19.08
N GLU D 257 -3.92 21.93 18.59
CA GLU D 257 -4.14 20.79 19.47
C GLU D 257 -2.83 20.31 20.09
N ARG D 258 -1.71 20.47 19.38
CA ARG D 258 -0.42 20.09 19.94
C ARG D 258 -0.03 21.00 21.09
N ARG D 259 -0.43 22.27 21.05
CA ARG D 259 -0.30 23.16 22.19
C ARG D 259 -1.49 22.94 23.11
N ALA D 260 -1.22 22.61 24.36
CA ALA D 260 -2.28 22.20 25.28
C ALA D 260 -2.98 20.97 24.72
N PRO D 261 -2.32 19.81 24.72
CA PRO D 261 -2.92 18.61 24.15
C PRO D 261 -3.84 17.92 25.13
N PRO D 262 -4.47 16.82 24.72
CA PRO D 262 -5.29 16.04 25.66
C PRO D 262 -4.48 15.64 26.89
N ALA D 263 -4.96 16.04 28.06
CA ALA D 263 -4.25 15.76 29.30
C ALA D 263 -4.20 14.27 29.57
N VAL D 264 -3.18 13.85 30.32
CA VAL D 264 -3.03 12.45 30.68
C VAL D 264 -4.26 12.01 31.48
N GLY D 265 -4.71 10.77 31.23
CA GLY D 265 -5.87 10.22 31.88
C GLY D 265 -7.15 10.35 31.08
N SER D 266 -7.18 11.25 30.09
CA SER D 266 -8.36 11.41 29.25
C SER D 266 -8.41 10.31 28.20
N TRP D 267 -9.50 10.29 27.43
CA TRP D 267 -9.69 9.31 26.37
C TRP D 267 -9.77 10.03 25.03
N VAL D 268 -9.23 9.39 24.00
CA VAL D 268 -9.24 9.94 22.64
C VAL D 268 -9.70 8.86 21.68
N THR D 269 -10.30 9.30 20.58
CA THR D 269 -10.73 8.41 19.51
C THR D 269 -9.79 8.56 18.32
N PHE D 270 -9.40 7.42 17.75
CA PHE D 270 -8.46 7.39 16.65
C PHE D 270 -8.96 6.42 15.59
N LYS D 271 -8.62 6.69 14.33
CA LYS D 271 -8.87 5.77 13.24
C LYS D 271 -7.61 4.98 12.94
N PHE D 272 -7.80 3.80 12.36
CA PHE D 272 -6.67 2.93 12.06
C PHE D 272 -7.08 1.98 10.94
N TYR D 273 -6.08 1.45 10.25
CA TYR D 273 -6.26 0.55 9.11
C TYR D 273 -5.76 -0.83 9.52
N GLY D 274 -6.55 -1.53 10.31
CA GLY D 274 -6.19 -2.85 10.76
C GLY D 274 -5.15 -2.82 11.86
N VAL D 275 -4.60 -4.00 12.15
CA VAL D 275 -3.63 -4.17 13.22
C VAL D 275 -2.43 -4.95 12.68
N THR D 276 -1.31 -4.81 13.39
CA THR D 276 -0.07 -5.47 13.02
C THR D 276 -0.08 -6.90 13.53
N LYS D 277 1.05 -7.60 13.39
CA LYS D 277 1.19 -8.91 14.00
C LYS D 277 0.99 -8.85 15.51
N ASN D 278 1.47 -7.78 16.14
CA ASN D 278 1.37 -7.59 17.58
C ASN D 278 0.09 -6.88 17.99
N GLY D 279 -0.92 -6.84 17.12
CA GLY D 279 -2.20 -6.27 17.45
C GLY D 279 -2.22 -4.77 17.63
N LYS D 280 -1.17 -4.07 17.20
CA LYS D 280 -1.14 -2.62 17.36
C LYS D 280 -1.78 -1.93 16.17
N PRO D 281 -2.53 -0.85 16.35
CA PRO D 281 -3.17 -0.19 15.21
C PRO D 281 -2.15 0.33 14.22
N ARG D 282 -2.46 0.18 12.93
CA ARG D 282 -1.57 0.60 11.86
C ARG D 282 -2.08 1.87 11.20
N PHE D 283 -1.16 2.76 10.84
CA PHE D 283 -1.50 4.03 10.19
C PHE D 283 -2.47 4.84 11.04
N ALA D 284 -2.37 4.71 12.36
CA ALA D 284 -3.33 5.36 13.24
C ALA D 284 -3.18 6.88 13.20
N SER D 285 -4.31 7.57 13.31
CA SER D 285 -4.33 9.03 13.36
C SER D 285 -5.42 9.47 14.32
N PHE D 286 -5.21 10.64 14.91
CA PHE D 286 -6.15 11.18 15.90
C PHE D 286 -7.34 11.82 15.20
N LEU D 287 -8.52 11.68 15.82
CA LEU D 287 -9.75 12.27 15.30
C LEU D 287 -10.24 13.37 16.23
N ARG D 288 -10.92 13.01 17.32
CA ARG D 288 -11.38 13.97 18.30
C ARG D 288 -11.32 13.32 19.68
N VAL D 289 -11.52 14.14 20.70
CA VAL D 289 -11.36 13.71 22.09
C VAL D 289 -12.60 12.94 22.54
N ARG D 290 -12.82 12.86 23.85
CA ARG D 290 -13.89 12.05 24.44
C ARG D 290 -13.64 10.56 24.19
P PO4 E . 10.20 9.59 8.74
O1 PO4 E . 11.55 9.71 8.07
O2 PO4 E . 9.21 9.00 7.77
O3 PO4 E . 10.31 8.71 9.96
O4 PO4 E . 9.72 10.97 9.16
P PO4 F . 10.35 5.06 14.36
O1 PO4 F . 9.99 4.50 13.02
O2 PO4 F . 11.66 5.81 14.26
O3 PO4 F . 10.49 3.92 15.36
O4 PO4 F . 9.27 6.01 14.82
P AMP G . -0.01 3.64 -0.81
O1P AMP G . -0.20 2.17 -0.51
O2P AMP G . -0.96 4.63 -0.20
O5' AMP G . -0.04 3.82 -2.40
C5' AMP G . -0.44 2.73 -3.22
C4' AMP G . 0.69 1.71 -3.33
O4' AMP G . 0.17 0.38 -3.27
C3' AMP G . 1.52 1.82 -4.60
O3' AMP G . 2.84 2.29 -4.29
C2' AMP G . 1.56 0.41 -5.18
O2' AMP G . 2.91 -0.02 -5.42
C1' AMP G . 0.91 -0.49 -4.13
N9 AMP G . 0.00 -1.55 -4.66
C8 AMP G . -0.17 -2.72 -4.02
N7 AMP G . -1.04 -3.52 -4.68
C5 AMP G . -1.44 -2.85 -5.77
C6 AMP G . -2.36 -3.12 -6.91
N6 AMP G . -3.03 -4.30 -6.97
N1 AMP G . -2.50 -2.18 -7.84
C2 AMP G . -1.85 -1.00 -7.78
N3 AMP G . -1.00 -0.69 -6.78
C4 AMP G . -0.75 -1.55 -5.76
H5'1 AMP G . -0.70 3.09 -4.23
H5'2 AMP G . -1.32 2.25 -2.80
H4' AMP G . 1.37 1.87 -2.47
H3' AMP G . 1.02 2.49 -5.31
HO3' AMP G . 3.35 2.35 -5.11
H2' AMP G . 0.97 0.38 -6.11
HO2' AMP G . 3.32 0.58 -6.07
H1' AMP G . 1.71 -0.96 -3.56
H8 AMP G . 0.32 -3.00 -3.09
HN61 AMP G . -2.90 -5.00 -6.26
HN62 AMP G . -3.65 -4.48 -7.76
H2 AMP G . -2.00 -0.27 -8.57
#